data_1OMN
#
_entry.id   1OMN
#
_cell.length_a   1.000
_cell.length_b   1.000
_cell.length_c   1.000
_cell.angle_alpha   90.00
_cell.angle_beta   90.00
_cell.angle_gamma   90.00
#
_symmetry.space_group_name_H-M   'P 1'
#
_entity_poly.entity_id   1
_entity_poly.type   'polypeptide(L)'
_entity_poly.pdbx_seq_one_letter_code
;CKGKGAPCRKTMYDCCSGSCGRRGKC(NH2)
;
_entity_poly.pdbx_strand_id   A
#
# COMPACT_ATOMS: atom_id res chain seq x y z
N CYS A 1 7.59 -7.50 2.69
CA CYS A 1 6.69 -6.39 2.37
C CYS A 1 5.25 -6.85 2.46
N LYS A 2 4.32 -5.91 2.36
CA LYS A 2 2.90 -6.08 2.61
C LYS A 2 2.29 -7.07 1.64
N GLY A 3 0.96 -7.10 1.69
CA GLY A 3 0.24 -7.41 0.46
C GLY A 3 -1.17 -6.81 0.44
N LYS A 4 -1.96 -7.19 -0.58
CA LYS A 4 -2.98 -6.34 -1.13
C LYS A 4 -4.15 -5.92 -0.23
N GLY A 5 -4.64 -4.72 -0.53
CA GLY A 5 -5.70 -3.93 0.08
C GLY A 5 -5.71 -3.89 1.60
N ALA A 6 -4.60 -4.26 2.24
CA ALA A 6 -4.36 -4.05 3.65
C ALA A 6 -4.17 -2.54 3.91
N PRO A 7 -4.46 -2.06 5.13
CA PRO A 7 -4.09 -0.72 5.56
C PRO A 7 -2.62 -0.41 5.26
N CYS A 8 -2.36 0.70 4.56
CA CYS A 8 -1.06 1.05 4.04
C CYS A 8 -0.82 2.53 4.20
N ARG A 9 0.45 2.88 4.26
CA ARG A 9 0.93 4.10 4.83
C ARG A 9 1.42 4.95 3.66
N LYS A 10 0.49 5.58 2.94
CA LYS A 10 0.69 6.08 1.56
C LYS A 10 2.12 6.49 1.23
N THR A 11 2.54 7.55 1.88
CA THR A 11 3.82 8.19 1.63
C THR A 11 5.03 7.28 1.87
N MET A 12 4.99 6.32 2.80
CA MET A 12 6.17 5.55 3.21
C MET A 12 6.47 4.34 2.29
N TYR A 13 6.08 4.37 1.01
CA TYR A 13 6.43 3.30 0.04
C TYR A 13 6.07 1.92 0.61
N ASP A 14 4.79 1.73 0.98
CA ASP A 14 4.38 0.65 1.88
C ASP A 14 4.30 -0.73 1.23
N CYS A 15 4.04 -0.79 -0.08
CA CYS A 15 3.53 -2.01 -0.73
C CYS A 15 4.61 -2.83 -1.43
N CYS A 16 4.38 -4.14 -1.51
CA CYS A 16 5.37 -5.12 -1.95
C CYS A 16 5.53 -5.11 -3.49
N SER A 17 4.46 -4.74 -4.21
CA SER A 17 4.23 -4.90 -5.64
C SER A 17 3.90 -3.56 -6.32
N GLY A 18 2.61 -3.33 -6.37
CA GLY A 18 1.95 -2.07 -6.68
C GLY A 18 2.22 -1.07 -5.54
N SER A 19 1.29 -0.16 -5.25
CA SER A 19 1.56 0.90 -4.29
C SER A 19 0.26 1.31 -3.61
N CYS A 20 0.32 1.97 -2.44
CA CYS A 20 -0.82 2.41 -1.64
C CYS A 20 -1.67 3.41 -2.43
N GLY A 21 -2.44 2.91 -3.39
CA GLY A 21 -2.94 3.71 -4.53
C GLY A 21 -4.19 4.54 -4.15
N ARG A 22 -5.04 5.02 -5.08
CA ARG A 22 -6.06 6.02 -4.78
C ARG A 22 -6.89 5.65 -3.54
N ARG A 23 -7.25 4.37 -3.43
CA ARG A 23 -8.12 3.88 -2.39
C ARG A 23 -7.51 3.92 -0.97
N GLY A 24 -6.21 4.21 -0.83
CA GLY A 24 -5.59 4.30 0.51
C GLY A 24 -5.58 2.93 1.21
N LYS A 25 -5.44 1.86 0.43
CA LYS A 25 -5.24 0.48 0.88
C LYS A 25 -4.25 -0.14 -0.12
N CYS A 26 -3.57 -1.22 0.27
CA CYS A 26 -2.22 -1.43 -0.28
C CYS A 26 -2.50 -1.83 -1.75
N CYS A 1 7.83 -8.86 2.97
CA CYS A 1 6.90 -7.90 2.37
C CYS A 1 5.47 -8.17 2.81
N LYS A 2 4.56 -8.04 1.88
CA LYS A 2 3.19 -7.62 2.06
C LYS A 2 2.38 -8.07 0.85
N GLY A 3 1.10 -7.71 0.82
CA GLY A 3 0.39 -7.56 -0.46
C GLY A 3 -0.94 -6.81 -0.28
N LYS A 4 -1.94 -7.13 -1.11
CA LYS A 4 -3.03 -6.22 -1.40
C LYS A 4 -3.94 -5.82 -0.24
N GLY A 5 -4.55 -4.65 -0.43
CA GLY A 5 -5.38 -3.85 0.46
C GLY A 5 -4.86 -3.75 1.89
N ALA A 6 -3.56 -3.99 2.11
CA ALA A 6 -2.92 -3.69 3.36
C ALA A 6 -3.12 -2.20 3.70
N PRO A 7 -3.46 -1.85 4.96
CA PRO A 7 -3.77 -0.48 5.35
C PRO A 7 -2.50 0.37 5.22
N CYS A 8 -2.57 1.40 4.38
CA CYS A 8 -1.38 2.07 3.86
C CYS A 8 -1.28 3.48 4.38
N ARG A 9 -0.11 4.03 4.07
CA ARG A 9 0.38 5.30 4.53
C ARG A 9 1.03 5.81 3.23
N LYS A 10 0.22 6.33 2.30
CA LYS A 10 0.50 6.27 0.83
C LYS A 10 1.99 6.38 0.48
N THR A 11 2.56 7.50 0.85
CA THR A 11 3.95 7.85 0.60
C THR A 11 4.95 6.86 1.22
N MET A 12 4.73 6.37 2.46
CA MET A 12 5.68 5.51 3.16
C MET A 12 5.53 4.02 2.72
N TYR A 13 5.38 3.77 1.40
CA TYR A 13 5.48 2.45 0.74
C TYR A 13 5.09 1.25 1.64
N ASP A 14 3.79 0.95 1.80
CA ASP A 14 3.39 -0.21 2.63
C ASP A 14 3.67 -1.58 1.98
N CYS A 15 3.75 -1.62 0.65
CA CYS A 15 3.48 -2.77 -0.20
C CYS A 15 4.79 -3.30 -0.82
N CYS A 16 4.85 -4.59 -1.18
CA CYS A 16 6.02 -5.25 -1.81
C CYS A 16 6.47 -4.58 -3.13
N SER A 17 5.50 -4.07 -3.87
CA SER A 17 5.50 -3.95 -5.33
C SER A 17 4.52 -2.91 -5.84
N GLY A 18 3.33 -3.41 -6.14
CA GLY A 18 2.13 -2.62 -6.40
C GLY A 18 1.88 -1.79 -5.16
N SER A 19 1.16 -0.67 -5.26
CA SER A 19 1.41 0.45 -4.35
C SER A 19 0.08 1.13 -3.99
N CYS A 20 0.05 1.93 -2.92
CA CYS A 20 -1.21 2.51 -2.47
C CYS A 20 -1.80 3.52 -3.44
N GLY A 21 -2.68 3.04 -4.32
CA GLY A 21 -3.54 3.85 -5.20
C GLY A 21 -4.51 4.76 -4.42
N ARG A 22 -4.05 5.63 -3.52
CA ARG A 22 -4.80 6.76 -2.93
C ARG A 22 -5.75 6.30 -1.82
N ARG A 23 -6.58 5.30 -2.09
CA ARG A 23 -7.73 4.83 -1.30
C ARG A 23 -7.39 4.31 0.11
N GLY A 24 -6.14 4.45 0.57
CA GLY A 24 -5.74 4.17 1.94
C GLY A 24 -5.43 2.71 2.20
N LYS A 25 -5.44 1.89 1.15
CA LYS A 25 -5.25 0.45 1.25
C LYS A 25 -4.52 0.05 -0.04
N CYS A 26 -3.61 -0.91 0.03
CA CYS A 26 -2.68 -1.14 -1.12
C CYS A 26 -3.46 -1.36 -2.41
N CYS A 1 7.28 -8.63 -0.63
CA CYS A 1 6.29 -7.78 0.03
C CYS A 1 5.15 -7.40 -0.89
N LYS A 2 3.99 -7.16 -0.28
CA LYS A 2 2.77 -6.52 -0.65
C LYS A 2 2.00 -6.19 0.62
N GLY A 3 0.97 -5.35 0.54
CA GLY A 3 0.01 -5.23 1.63
C GLY A 3 -1.23 -5.95 1.10
N LYS A 4 -2.32 -6.19 1.85
CA LYS A 4 -3.53 -6.71 1.23
C LYS A 4 -4.74 -6.01 1.82
N GLY A 5 -5.39 -5.18 1.00
CA GLY A 5 -6.12 -3.99 1.40
C GLY A 5 -5.55 -3.42 2.70
N ALA A 6 -4.22 -3.49 2.91
CA ALA A 6 -3.64 -3.21 4.21
C ALA A 6 -3.96 -1.77 4.67
N PRO A 7 -4.01 -1.53 5.99
CA PRO A 7 -3.88 -0.18 6.53
C PRO A 7 -2.54 0.40 6.07
N CYS A 8 -2.59 1.01 4.90
CA CYS A 8 -1.42 1.39 4.14
C CYS A 8 -0.89 2.73 4.64
N ARG A 9 0.33 2.94 4.19
CA ARG A 9 1.26 3.88 4.73
C ARG A 9 1.79 4.41 3.40
N LYS A 10 0.94 5.18 2.69
CA LYS A 10 0.92 5.27 1.21
C LYS A 10 2.30 5.25 0.57
N THR A 11 3.02 6.32 0.84
CA THR A 11 4.37 6.59 0.36
C THR A 11 5.41 5.55 0.75
N MET A 12 5.23 4.80 1.85
CA MET A 12 6.22 3.83 2.35
C MET A 12 5.92 2.40 1.89
N TYR A 13 5.63 2.18 0.60
CA TYR A 13 5.95 0.92 -0.08
C TYR A 13 5.20 -0.27 0.55
N ASP A 14 3.92 -0.07 0.88
CA ASP A 14 3.08 -1.09 1.56
C ASP A 14 2.93 -2.39 0.73
N CYS A 15 2.68 -2.22 -0.57
CA CYS A 15 2.53 -3.17 -1.70
C CYS A 15 3.91 -3.56 -2.22
N CYS A 16 4.81 -3.68 -1.27
CA CYS A 16 6.28 -3.80 -1.35
C CYS A 16 6.95 -2.60 -2.04
N SER A 17 6.27 -2.01 -3.01
CA SER A 17 6.88 -1.34 -4.16
C SER A 17 6.08 -0.15 -4.67
N GLY A 18 5.46 -0.39 -5.82
CA GLY A 18 4.38 0.44 -6.33
C GLY A 18 3.29 0.29 -5.29
N SER A 19 2.46 1.31 -5.06
CA SER A 19 1.88 1.51 -3.74
C SER A 19 0.36 1.71 -3.76
N CYS A 20 -0.29 1.44 -2.61
CA CYS A 20 -1.57 2.01 -2.18
C CYS A 20 -2.12 3.14 -3.06
N GLY A 21 -2.81 2.74 -4.13
CA GLY A 21 -3.44 3.65 -5.10
C GLY A 21 -4.72 4.33 -4.54
N ARG A 22 -5.69 4.77 -5.36
CA ARG A 22 -6.77 5.65 -4.88
C ARG A 22 -7.66 5.01 -3.81
N ARG A 23 -7.71 3.68 -3.72
CA ARG A 23 -8.57 3.01 -2.75
C ARG A 23 -8.08 3.16 -1.30
N GLY A 24 -6.95 3.83 -1.07
CA GLY A 24 -6.47 4.16 0.28
C GLY A 24 -6.03 2.92 1.05
N LYS A 25 -5.74 1.84 0.33
CA LYS A 25 -5.33 0.52 0.80
C LYS A 25 -4.66 -0.16 -0.41
N CYS A 26 -3.83 -1.20 -0.19
CA CYS A 26 -2.85 -1.76 -1.18
C CYS A 26 -3.36 -1.64 -2.62
N CYS A 1 7.45 -4.65 3.79
CA CYS A 1 6.42 -4.39 2.77
C CYS A 1 5.17 -5.19 3.08
N LYS A 2 4.08 -4.86 2.40
CA LYS A 2 2.75 -5.36 2.72
C LYS A 2 2.40 -6.38 1.64
N GLY A 3 1.17 -6.87 1.72
CA GLY A 3 0.44 -7.28 0.52
C GLY A 3 -1.01 -6.76 0.53
N LYS A 4 -1.84 -7.27 -0.39
CA LYS A 4 -2.97 -6.50 -0.94
C LYS A 4 -4.04 -6.06 0.05
N GLY A 5 -4.59 -4.86 -0.23
CA GLY A 5 -5.71 -4.17 0.36
C GLY A 5 -5.74 -4.13 1.90
N ALA A 6 -4.61 -4.42 2.52
CA ALA A 6 -4.37 -4.10 3.92
C ALA A 6 -4.26 -2.57 4.06
N PRO A 7 -4.59 -1.99 5.23
CA PRO A 7 -4.49 -0.55 5.41
C PRO A 7 -3.01 -0.15 5.35
N CYS A 8 -2.71 0.88 4.56
CA CYS A 8 -1.41 1.23 4.03
C CYS A 8 -1.02 2.65 4.41
N ARG A 9 0.16 3.05 3.94
CA ARG A 9 0.90 4.22 4.34
C ARG A 9 1.46 4.72 3.00
N LYS A 10 0.61 5.31 2.14
CA LYS A 10 0.89 5.42 0.69
C LYS A 10 2.32 5.84 0.38
N THR A 11 2.62 7.06 0.77
CA THR A 11 3.91 7.70 0.67
C THR A 11 5.03 6.98 1.43
N MET A 12 4.74 6.24 2.52
CA MET A 12 5.79 5.54 3.28
C MET A 12 5.91 4.07 2.80
N TYR A 13 5.98 3.84 1.48
CA TYR A 13 6.58 2.64 0.87
C TYR A 13 5.92 1.37 1.41
N ASP A 14 4.59 1.28 1.28
CA ASP A 14 3.86 0.18 1.92
C ASP A 14 3.84 -1.12 1.11
N CYS A 15 3.47 -1.06 -0.17
CA CYS A 15 3.20 -2.28 -0.94
C CYS A 15 4.47 -2.80 -1.57
N CYS A 16 4.52 -4.11 -1.75
CA CYS A 16 5.82 -4.71 -2.03
C CYS A 16 6.12 -4.53 -3.54
N SER A 17 5.06 -4.52 -4.35
CA SER A 17 5.02 -4.60 -5.81
C SER A 17 4.63 -3.29 -6.46
N GLY A 18 3.33 -3.17 -6.66
CA GLY A 18 2.61 -1.94 -6.97
C GLY A 18 2.66 -1.01 -5.77
N SER A 19 1.67 -0.13 -5.58
CA SER A 19 1.75 0.79 -4.44
C SER A 19 0.37 1.32 -4.06
N CYS A 20 0.21 1.75 -2.79
CA CYS A 20 -1.05 2.28 -2.34
C CYS A 20 -1.36 3.58 -3.05
N GLY A 21 -2.20 3.50 -4.06
CA GLY A 21 -2.87 4.70 -4.57
C GLY A 21 -3.75 5.31 -3.43
N ARG A 22 -4.40 6.49 -3.57
CA ARG A 22 -5.02 7.10 -2.38
C ARG A 22 -6.37 6.48 -1.99
N ARG A 23 -6.62 5.24 -2.42
CA ARG A 23 -7.66 4.41 -1.81
C ARG A 23 -7.38 4.19 -0.31
N GLY A 24 -6.11 4.20 0.12
CA GLY A 24 -5.79 3.93 1.51
C GLY A 24 -5.96 2.45 1.88
N LYS A 25 -5.93 1.55 0.88
CA LYS A 25 -5.75 0.11 1.11
C LYS A 25 -4.79 -0.37 0.02
N CYS A 26 -3.93 -1.33 0.35
CA CYS A 26 -2.58 -1.43 -0.29
C CYS A 26 -2.92 -1.79 -1.74
N CYS A 1 7.42 -6.39 4.01
CA CYS A 1 6.63 -5.48 3.17
C CYS A 1 5.17 -5.90 3.26
N LYS A 2 4.28 -5.01 2.83
CA LYS A 2 2.85 -5.23 2.87
C LYS A 2 2.38 -5.87 1.56
N GLY A 3 1.12 -6.32 1.54
CA GLY A 3 0.44 -6.85 0.35
C GLY A 3 -1.02 -6.36 0.29
N LYS A 4 -1.77 -6.81 -0.72
CA LYS A 4 -2.88 -6.02 -1.31
C LYS A 4 -4.06 -5.76 -0.37
N GLY A 5 -4.61 -4.54 -0.49
CA GLY A 5 -5.70 -3.90 0.25
C GLY A 5 -5.62 -3.97 1.76
N ALA A 6 -4.47 -4.38 2.31
CA ALA A 6 -4.16 -4.17 3.71
C ALA A 6 -4.06 -2.65 3.97
N PRO A 7 -4.27 -2.21 5.22
CA PRO A 7 -4.12 -0.81 5.58
C PRO A 7 -2.65 -0.39 5.41
N CYS A 8 -2.42 0.65 4.61
CA CYS A 8 -1.12 1.07 4.13
C CYS A 8 -0.72 2.39 4.76
N ARG A 9 0.56 2.66 4.58
CA ARG A 9 1.29 3.75 5.15
C ARG A 9 1.72 4.51 3.90
N LYS A 10 0.70 5.08 3.22
CA LYS A 10 0.65 5.31 1.76
C LYS A 10 1.98 5.76 1.17
N THR A 11 2.39 6.92 1.62
CA THR A 11 3.55 7.63 1.11
C THR A 11 4.84 6.81 1.26
N MET A 12 4.97 5.98 2.31
CA MET A 12 6.20 5.21 2.54
C MET A 12 6.28 3.94 1.66
N TYR A 13 5.57 3.85 0.52
CA TYR A 13 5.64 2.66 -0.35
C TYR A 13 5.45 1.37 0.47
N ASP A 14 4.31 1.26 1.17
CA ASP A 14 4.11 0.13 2.09
C ASP A 14 4.07 -1.23 1.38
N CYS A 15 3.57 -1.21 0.13
CA CYS A 15 3.29 -2.40 -0.65
C CYS A 15 4.58 -2.94 -1.23
N CYS A 16 4.65 -4.25 -1.36
CA CYS A 16 5.92 -4.89 -1.69
C CYS A 16 6.21 -4.56 -3.17
N SER A 17 5.15 -4.45 -3.98
CA SER A 17 5.11 -4.23 -5.41
C SER A 17 4.28 -3.00 -5.73
N GLY A 18 3.08 -3.28 -6.20
CA GLY A 18 2.11 -2.29 -6.66
C GLY A 18 1.59 -1.53 -5.43
N SER A 19 1.52 -0.21 -5.50
CA SER A 19 1.67 0.71 -4.39
C SER A 19 0.32 1.31 -3.98
N CYS A 20 0.21 1.82 -2.74
CA CYS A 20 -1.03 2.35 -2.20
C CYS A 20 -1.57 3.57 -2.95
N GLY A 21 -2.39 3.30 -3.96
CA GLY A 21 -3.05 4.36 -4.76
C GLY A 21 -4.13 5.10 -3.92
N ARG A 22 -4.88 6.11 -4.44
CA ARG A 22 -5.68 7.00 -3.60
C ARG A 22 -6.81 6.31 -2.84
N ARG A 23 -7.13 5.06 -3.19
CA ARG A 23 -8.08 4.27 -2.42
C ARG A 23 -7.62 4.06 -0.95
N GLY A 24 -6.32 4.26 -0.65
CA GLY A 24 -5.82 4.31 0.72
C GLY A 24 -5.74 2.94 1.37
N LYS A 25 -5.62 1.88 0.55
CA LYS A 25 -5.48 0.48 0.98
C LYS A 25 -4.48 -0.07 -0.06
N CYS A 26 -3.71 -1.09 0.33
CA CYS A 26 -2.34 -1.20 -0.27
C CYS A 26 -2.64 -1.58 -1.74
N CYS A 1 7.89 -6.56 4.35
CA CYS A 1 6.89 -5.97 3.45
C CYS A 1 5.50 -6.13 4.05
N LYS A 2 4.58 -6.57 3.22
CA LYS A 2 3.14 -6.44 3.28
C LYS A 2 2.55 -7.52 2.38
N GLY A 3 1.25 -7.38 2.15
CA GLY A 3 0.67 -7.83 0.88
C GLY A 3 -0.53 -6.97 0.45
N LYS A 4 -1.27 -7.38 -0.59
CA LYS A 4 -2.26 -6.57 -1.29
C LYS A 4 -3.55 -6.33 -0.48
N GLY A 5 -4.27 -5.28 -0.91
CA GLY A 5 -5.35 -4.53 -0.26
C GLY A 5 -5.14 -4.44 1.24
N ALA A 6 -3.89 -4.40 1.70
CA ALA A 6 -3.66 -4.15 3.10
C ALA A 6 -3.88 -2.66 3.28
N PRO A 7 -4.46 -2.23 4.41
CA PRO A 7 -4.51 -0.82 4.71
C PRO A 7 -3.05 -0.34 4.71
N CYS A 8 -2.82 0.83 4.14
CA CYS A 8 -1.49 1.27 3.75
C CYS A 8 -1.42 2.77 3.86
N ARG A 9 -0.19 3.25 3.94
CA ARG A 9 0.18 4.55 4.41
C ARG A 9 0.96 5.13 3.22
N LYS A 10 0.48 6.22 2.60
CA LYS A 10 0.82 6.43 1.18
C LYS A 10 2.13 7.22 1.07
N THR A 11 3.14 6.90 1.89
CA THR A 11 4.40 7.64 1.93
C THR A 11 5.53 6.76 1.40
N MET A 12 6.25 6.03 2.27
CA MET A 12 7.43 5.25 1.89
C MET A 12 7.06 3.95 1.16
N TYR A 13 6.03 3.96 0.31
CA TYR A 13 5.69 2.86 -0.62
C TYR A 13 5.50 1.55 0.18
N ASP A 14 4.49 1.54 1.06
CA ASP A 14 4.20 0.47 2.03
C ASP A 14 4.11 -0.95 1.47
N CYS A 15 3.75 -1.08 0.20
CA CYS A 15 3.30 -2.35 -0.39
C CYS A 15 4.49 -3.20 -0.83
N CYS A 16 4.47 -4.55 -0.72
CA CYS A 16 5.62 -5.33 -1.22
C CYS A 16 5.79 -5.01 -2.71
N SER A 17 4.67 -4.84 -3.44
CA SER A 17 4.67 -4.13 -4.70
C SER A 17 3.23 -3.64 -4.87
N GLY A 18 3.00 -2.89 -5.93
CA GLY A 18 1.82 -2.06 -6.13
C GLY A 18 2.03 -0.76 -5.36
N SER A 19 0.99 0.04 -5.17
CA SER A 19 1.15 1.32 -4.48
C SER A 19 -0.14 1.69 -3.73
N CYS A 20 0.01 2.40 -2.61
CA CYS A 20 -1.11 2.99 -1.88
C CYS A 20 -1.58 4.21 -2.68
N GLY A 21 -2.37 4.00 -3.73
CA GLY A 21 -2.62 5.04 -4.72
C GLY A 21 -3.51 6.19 -4.21
N ARG A 22 -4.63 5.86 -3.57
CA ARG A 22 -5.68 6.79 -3.13
C ARG A 22 -6.48 6.23 -1.95
N ARG A 23 -7.20 5.12 -2.18
CA ARG A 23 -8.30 4.59 -1.36
C ARG A 23 -7.93 4.17 0.07
N GLY A 24 -6.65 4.17 0.44
CA GLY A 24 -6.20 3.68 1.74
C GLY A 24 -6.20 2.15 1.83
N LYS A 25 -5.90 1.42 0.74
CA LYS A 25 -5.52 0.01 0.84
C LYS A 25 -4.80 -0.33 -0.46
N CYS A 26 -3.71 -1.10 -0.39
CA CYS A 26 -2.76 -1.23 -1.53
C CYS A 26 -3.51 -1.40 -2.85
N CYS A 1 7.39 -9.47 1.66
CA CYS A 1 6.46 -8.42 1.24
C CYS A 1 5.07 -8.65 1.80
N LYS A 2 4.08 -8.23 1.03
CA LYS A 2 2.79 -7.76 1.48
C LYS A 2 1.74 -8.20 0.50
N GLY A 3 0.58 -7.57 0.70
CA GLY A 3 -0.30 -7.29 -0.42
C GLY A 3 -1.66 -6.79 0.04
N LYS A 4 -2.69 -7.05 -0.76
CA LYS A 4 -3.86 -6.22 -0.92
C LYS A 4 -4.61 -5.71 0.32
N GLY A 5 -5.07 -4.46 0.16
CA GLY A 5 -5.92 -3.66 1.03
C GLY A 5 -5.54 -3.59 2.51
N ALA A 6 -4.33 -4.05 2.84
CA ALA A 6 -3.69 -3.70 4.10
C ALA A 6 -3.74 -2.17 4.31
N PRO A 7 -3.90 -1.68 5.55
CA PRO A 7 -3.79 -0.26 5.82
C PRO A 7 -2.38 0.18 5.41
N CYS A 8 -2.30 1.29 4.66
CA CYS A 8 -1.07 1.76 4.07
C CYS A 8 -1.15 3.27 3.95
N ARG A 9 0.03 3.87 4.01
CA ARG A 9 0.25 5.22 4.43
C ARG A 9 0.98 5.80 3.23
N LYS A 10 0.32 6.58 2.36
CA LYS A 10 0.74 6.59 0.95
C LYS A 10 2.21 6.92 0.65
N THR A 11 2.75 7.90 1.35
CA THR A 11 4.14 8.29 1.25
C THR A 11 5.14 7.32 1.93
N MET A 12 4.71 6.23 2.57
CA MET A 12 5.60 5.40 3.40
C MET A 12 5.80 3.95 2.87
N TYR A 13 6.06 3.77 1.57
CA TYR A 13 6.85 2.64 1.03
C TYR A 13 6.34 1.27 1.53
N ASP A 14 5.02 1.04 1.41
CA ASP A 14 4.35 0.01 2.23
C ASP A 14 4.23 -1.39 1.60
N CYS A 15 4.16 -1.48 0.27
CA CYS A 15 3.70 -2.65 -0.49
C CYS A 15 4.86 -3.21 -1.34
N CYS A 16 4.72 -4.46 -1.82
CA CYS A 16 5.77 -5.21 -2.55
C CYS A 16 6.31 -4.49 -3.80
N SER A 17 5.44 -3.71 -4.42
CA SER A 17 5.44 -3.43 -5.86
C SER A 17 4.53 -2.27 -6.23
N GLY A 18 3.29 -2.66 -6.51
CA GLY A 18 2.16 -1.75 -6.55
C GLY A 18 2.06 -1.15 -5.15
N SER A 19 1.51 0.06 -5.00
CA SER A 19 1.74 0.87 -3.82
C SER A 19 0.36 1.26 -3.28
N CYS A 20 0.27 2.22 -2.35
CA CYS A 20 -0.95 2.56 -1.66
C CYS A 20 -1.87 3.47 -2.49
N GLY A 21 -2.24 2.96 -3.65
CA GLY A 21 -3.06 3.67 -4.62
C GLY A 21 -4.53 3.20 -4.48
N ARG A 22 -5.41 3.37 -5.49
CA ARG A 22 -6.73 2.74 -5.48
C ARG A 22 -7.53 3.22 -4.25
N ARG A 23 -7.74 2.40 -3.21
CA ARG A 23 -8.49 2.80 -2.03
C ARG A 23 -7.63 3.52 -0.98
N GLY A 24 -6.35 3.83 -1.25
CA GLY A 24 -5.48 4.31 -0.19
C GLY A 24 -5.28 3.22 0.88
N LYS A 25 -5.25 1.94 0.46
CA LYS A 25 -5.10 0.69 1.20
C LYS A 25 -4.44 -0.24 0.16
N CYS A 26 -3.53 -1.12 0.59
CA CYS A 26 -2.35 -1.61 -0.21
C CYS A 26 -2.89 -1.88 -1.62
N CYS A 1 7.19 -5.82 4.09
CA CYS A 1 6.27 -5.05 3.23
C CYS A 1 4.85 -5.47 3.39
N LYS A 2 3.94 -4.55 3.06
CA LYS A 2 2.51 -4.78 3.10
C LYS A 2 2.11 -5.43 1.78
N GLY A 3 0.82 -5.75 1.70
CA GLY A 3 0.10 -5.74 0.44
C GLY A 3 -1.32 -6.32 0.68
N LYS A 4 -2.12 -6.48 -0.39
CA LYS A 4 -3.54 -6.84 -0.48
C LYS A 4 -4.53 -6.29 0.58
N GLY A 5 -5.49 -5.46 0.11
CA GLY A 5 -6.35 -4.42 0.71
C GLY A 5 -5.99 -4.03 2.13
N ALA A 6 -4.70 -4.09 2.44
CA ALA A 6 -4.24 -3.93 3.81
C ALA A 6 -4.17 -2.44 4.19
N PRO A 7 -4.52 -2.08 5.45
CA PRO A 7 -4.32 -0.74 6.01
C PRO A 7 -2.88 -0.26 5.85
N CYS A 8 -2.64 0.53 4.80
CA CYS A 8 -1.33 0.82 4.27
C CYS A 8 -0.88 2.23 4.56
N ARG A 9 0.42 2.40 4.38
CA ARG A 9 1.16 3.53 4.84
C ARG A 9 1.71 4.19 3.57
N LYS A 10 0.75 4.63 2.72
CA LYS A 10 0.93 4.81 1.26
C LYS A 10 2.34 5.17 0.82
N THR A 11 2.76 6.32 1.33
CA THR A 11 3.94 7.03 0.91
C THR A 11 5.22 6.20 1.08
N MET A 12 5.31 5.31 2.07
CA MET A 12 6.53 4.50 2.27
C MET A 12 6.59 3.29 1.31
N TYR A 13 6.02 3.40 0.09
CA TYR A 13 5.92 2.29 -0.87
C TYR A 13 5.44 1.02 -0.15
N ASP A 14 4.36 1.15 0.62
CA ASP A 14 4.00 0.15 1.64
C ASP A 14 3.70 -1.22 1.04
N CYS A 15 3.14 -1.27 -0.16
CA CYS A 15 2.57 -2.42 -0.90
C CYS A 15 3.61 -3.33 -1.57
N CYS A 16 4.80 -3.21 -1.04
CA CYS A 16 6.15 -3.70 -1.38
C CYS A 16 6.67 -3.21 -2.73
N SER A 17 5.74 -3.07 -3.67
CA SER A 17 6.00 -3.23 -5.09
C SER A 17 5.57 -2.00 -5.87
N GLY A 18 4.37 -2.13 -6.40
CA GLY A 18 3.48 -1.00 -6.65
C GLY A 18 3.16 -0.32 -5.31
N SER A 19 2.24 0.63 -5.33
CA SER A 19 2.03 1.54 -4.20
C SER A 19 0.52 1.71 -3.98
N CYS A 20 0.10 2.19 -2.79
CA CYS A 20 -1.23 1.93 -2.24
C CYS A 20 -2.41 2.74 -2.81
N GLY A 21 -2.60 2.60 -4.12
CA GLY A 21 -3.90 2.74 -4.79
C GLY A 21 -4.52 4.13 -4.77
N ARG A 22 -3.90 5.13 -4.11
CA ARG A 22 -4.52 6.41 -3.77
C ARG A 22 -5.60 6.25 -2.69
N ARG A 23 -6.46 5.23 -2.81
CA ARG A 23 -7.52 4.92 -1.86
C ARG A 23 -7.02 4.61 -0.44
N GLY A 24 -5.76 4.21 -0.27
CA GLY A 24 -5.24 3.90 1.06
C GLY A 24 -5.69 2.52 1.58
N LYS A 25 -5.87 1.53 0.68
CA LYS A 25 -5.69 0.12 0.99
C LYS A 25 -5.03 -0.45 -0.28
N CYS A 26 -4.15 -1.46 -0.12
CA CYS A 26 -3.15 -1.81 -1.16
C CYS A 26 -3.64 -1.65 -2.61
N CYS A 1 6.83 -8.36 3.39
CA CYS A 1 6.17 -7.17 2.81
C CYS A 1 4.67 -7.29 2.94
N LYS A 2 4.00 -6.19 2.65
CA LYS A 2 2.56 -6.05 2.74
C LYS A 2 2.00 -6.48 1.38
N GLY A 3 0.66 -6.50 1.25
CA GLY A 3 0.05 -6.84 -0.04
C GLY A 3 -1.37 -6.31 -0.21
N LYS A 4 -2.12 -6.89 -1.15
CA LYS A 4 -3.26 -6.19 -1.77
C LYS A 4 -4.36 -5.81 -0.76
N GLY A 5 -4.87 -4.59 -0.90
CA GLY A 5 -5.76 -3.93 0.05
C GLY A 5 -5.34 -4.04 1.50
N ALA A 6 -4.06 -4.26 1.80
CA ALA A 6 -3.60 -4.12 3.17
C ALA A 6 -3.56 -2.63 3.57
N PRO A 7 -3.90 -2.27 4.83
CA PRO A 7 -3.97 -0.88 5.25
C PRO A 7 -2.59 -0.21 5.23
N CYS A 8 -2.48 0.94 4.56
CA CYS A 8 -1.23 1.50 4.06
C CYS A 8 -1.05 2.95 4.47
N ARG A 9 0.09 3.47 4.01
CA ARG A 9 0.71 4.70 4.41
C ARG A 9 1.33 5.21 3.11
N LYS A 10 0.52 5.76 2.19
CA LYS A 10 0.78 5.69 0.72
C LYS A 10 2.24 5.89 0.33
N THR A 11 2.67 7.14 0.37
CA THR A 11 4.05 7.55 0.10
C THR A 11 5.08 6.91 1.05
N MET A 12 4.70 6.49 2.27
CA MET A 12 5.67 6.07 3.29
C MET A 12 6.08 4.59 3.11
N TYR A 13 6.24 4.13 1.87
CA TYR A 13 6.87 2.84 1.54
C TYR A 13 6.14 1.68 2.25
N ASP A 14 4.93 1.33 1.76
CA ASP A 14 4.13 0.27 2.40
C ASP A 14 3.98 -1.08 1.68
N CYS A 15 3.87 -1.09 0.36
CA CYS A 15 3.49 -2.28 -0.40
C CYS A 15 4.74 -2.90 -1.03
N CYS A 16 4.67 -4.20 -1.30
CA CYS A 16 5.78 -5.06 -1.77
C CYS A 16 6.32 -4.66 -3.14
N SER A 17 5.43 -4.08 -3.95
CA SER A 17 5.42 -4.17 -5.41
C SER A 17 4.47 -3.15 -6.03
N GLY A 18 3.24 -3.63 -6.21
CA GLY A 18 2.08 -2.82 -6.53
C GLY A 18 1.86 -1.87 -5.35
N SER A 19 1.14 -0.76 -5.51
CA SER A 19 1.34 0.42 -4.68
C SER A 19 -0.01 0.97 -4.18
N CYS A 20 0.00 1.76 -3.09
CA CYS A 20 -1.24 2.19 -2.48
C CYS A 20 -1.94 3.30 -3.26
N GLY A 21 -2.64 2.90 -4.33
CA GLY A 21 -3.49 3.78 -5.14
C GLY A 21 -4.57 4.52 -4.30
N ARG A 22 -4.28 5.59 -3.55
CA ARG A 22 -5.26 6.54 -3.00
C ARG A 22 -5.98 6.01 -1.76
N ARG A 23 -6.67 4.86 -1.86
CA ARG A 23 -7.73 4.44 -0.94
C ARG A 23 -7.26 4.11 0.48
N GLY A 24 -5.97 4.28 0.80
CA GLY A 24 -5.44 3.98 2.13
C GLY A 24 -5.31 2.48 2.39
N LYS A 25 -5.55 1.66 1.36
CA LYS A 25 -5.32 0.23 1.40
C LYS A 25 -4.69 -0.15 0.05
N CYS A 26 -3.73 -1.06 0.04
CA CYS A 26 -2.81 -1.21 -1.13
C CYS A 26 -3.64 -1.46 -2.40
N CYS A 1 7.54 -5.34 3.53
CA CYS A 1 6.48 -5.29 2.51
C CYS A 1 5.26 -6.02 3.04
N LYS A 2 4.34 -6.37 2.17
CA LYS A 2 2.94 -6.48 2.49
C LYS A 2 2.28 -7.37 1.44
N GLY A 3 0.95 -7.31 1.45
CA GLY A 3 0.21 -7.48 0.21
C GLY A 3 -1.17 -6.83 0.28
N LYS A 4 -2.05 -7.19 -0.66
CA LYS A 4 -3.10 -6.36 -1.19
C LYS A 4 -4.22 -5.92 -0.22
N GLY A 5 -4.76 -4.72 -0.51
CA GLY A 5 -5.73 -3.89 0.20
C GLY A 5 -5.61 -3.84 1.72
N ALA A 6 -4.46 -4.25 2.26
CA ALA A 6 -4.10 -4.04 3.64
C ALA A 6 -4.04 -2.54 3.93
N PRO A 7 -4.47 -2.04 5.10
CA PRO A 7 -4.23 -0.64 5.42
C PRO A 7 -2.72 -0.32 5.33
N CYS A 8 -2.40 0.85 4.78
CA CYS A 8 -1.10 1.19 4.24
C CYS A 8 -0.79 2.66 4.46
N ARG A 9 0.48 2.99 4.25
CA ARG A 9 1.17 4.13 4.80
C ARG A 9 1.61 4.95 3.58
N LYS A 10 0.84 5.97 3.18
CA LYS A 10 0.78 6.36 1.76
C LYS A 10 2.12 6.65 1.10
N THR A 11 2.69 7.76 1.51
CA THR A 11 4.00 8.19 1.06
C THR A 11 5.12 7.19 1.37
N MET A 12 4.95 6.28 2.35
CA MET A 12 6.06 5.48 2.89
C MET A 12 6.25 4.17 2.10
N TYR A 13 6.01 4.17 0.78
CA TYR A 13 6.12 3.00 -0.12
C TYR A 13 5.81 1.66 0.59
N ASP A 14 4.59 1.51 1.11
CA ASP A 14 4.21 0.37 1.96
C ASP A 14 4.21 -0.98 1.25
N CYS A 15 3.99 -1.00 -0.07
CA CYS A 15 3.52 -2.21 -0.76
C CYS A 15 4.62 -2.94 -1.50
N CYS A 16 4.43 -4.25 -1.66
CA CYS A 16 5.51 -5.07 -2.16
C CYS A 16 5.53 -4.89 -3.70
N SER A 17 4.36 -4.73 -4.35
CA SER A 17 4.17 -4.85 -5.80
C SER A 17 2.98 -4.02 -6.26
N GLY A 18 3.18 -2.73 -6.06
CA GLY A 18 2.24 -1.64 -6.26
C GLY A 18 2.60 -0.60 -5.22
N SER A 19 1.69 0.30 -4.85
CA SER A 19 1.94 1.16 -3.69
C SER A 19 0.61 1.74 -3.18
N CYS A 20 0.51 2.04 -1.87
CA CYS A 20 -0.67 2.55 -1.15
C CYS A 20 -1.53 3.50 -1.99
N GLY A 21 -2.44 2.92 -2.77
CA GLY A 21 -2.85 3.52 -4.05
C GLY A 21 -4.13 4.38 -3.94
N ARG A 22 -4.90 4.64 -5.02
CA ARG A 22 -6.02 5.58 -5.00
C ARG A 22 -7.11 5.05 -4.06
N ARG A 23 -7.17 3.71 -3.92
CA ARG A 23 -8.06 3.02 -3.02
C ARG A 23 -7.83 3.41 -1.54
N GLY A 24 -6.67 3.96 -1.18
CA GLY A 24 -6.34 4.31 0.22
C GLY A 24 -6.09 3.06 1.07
N LYS A 25 -5.57 1.99 0.46
CA LYS A 25 -5.36 0.63 0.97
C LYS A 25 -4.29 0.06 0.01
N CYS A 26 -3.57 -0.99 0.42
CA CYS A 26 -2.16 -1.23 -0.04
C CYS A 26 -2.17 -0.96 -1.53
N CYS A 1 7.04 -6.69 4.64
CA CYS A 1 6.32 -5.69 3.83
C CYS A 1 4.86 -6.08 3.76
N LYS A 2 4.03 -5.17 3.25
CA LYS A 2 2.59 -5.36 3.20
C LYS A 2 2.24 -5.97 1.83
N GLY A 3 0.95 -6.15 1.57
CA GLY A 3 0.47 -6.09 0.19
C GLY A 3 -1.06 -6.11 0.11
N LYS A 4 -1.65 -7.02 -0.65
CA LYS A 4 -2.99 -6.83 -1.22
C LYS A 4 -4.09 -6.46 -0.18
N GLY A 5 -5.00 -5.57 -0.61
CA GLY A 5 -5.88 -4.57 0.04
C GLY A 5 -5.54 -4.34 1.50
N ALA A 6 -4.26 -4.33 1.84
CA ALA A 6 -3.89 -4.11 3.22
C ALA A 6 -3.89 -2.61 3.52
N PRO A 7 -4.47 -2.14 4.64
CA PRO A 7 -4.41 -0.75 5.10
C PRO A 7 -2.98 -0.23 5.14
N CYS A 8 -2.68 0.85 4.40
CA CYS A 8 -1.33 1.17 3.99
C CYS A 8 -1.08 2.66 3.91
N ARG A 9 0.22 2.97 3.86
CA ARG A 9 0.77 4.26 4.11
C ARG A 9 1.42 4.73 2.80
N LYS A 10 0.72 5.57 2.04
CA LYS A 10 1.05 5.90 0.64
C LYS A 10 2.35 6.69 0.42
N THR A 11 3.28 6.70 1.38
CA THR A 11 4.60 7.29 1.32
C THR A 11 5.64 6.21 1.02
N MET A 12 6.26 5.57 2.02
CA MET A 12 7.43 4.70 1.85
C MET A 12 7.08 3.31 1.27
N TYR A 13 6.15 3.23 0.30
CA TYR A 13 5.94 2.04 -0.55
C TYR A 13 5.62 0.80 0.30
N ASP A 14 4.61 0.94 1.16
CA ASP A 14 4.14 -0.10 2.10
C ASP A 14 3.80 -1.44 1.41
N CYS A 15 3.29 -1.39 0.18
CA CYS A 15 2.60 -2.46 -0.61
C CYS A 15 3.43 -3.65 -1.10
N CYS A 16 4.64 -3.68 -0.62
CA CYS A 16 5.89 -4.40 -0.92
C CYS A 16 6.38 -3.86 -2.27
N SER A 17 5.45 -3.67 -3.20
CA SER A 17 5.58 -2.97 -4.45
C SER A 17 4.14 -2.97 -5.03
N GLY A 18 3.91 -2.14 -6.03
CA GLY A 18 2.62 -1.53 -6.28
C GLY A 18 2.56 -0.38 -5.28
N SER A 19 1.41 0.26 -5.04
CA SER A 19 1.42 1.40 -4.13
C SER A 19 0.02 1.68 -3.59
N CYS A 20 -0.08 2.30 -2.40
CA CYS A 20 -1.32 2.59 -1.71
C CYS A 20 -2.08 3.75 -2.37
N GLY A 21 -2.45 3.55 -3.63
CA GLY A 21 -2.60 4.66 -4.57
C GLY A 21 -3.97 5.32 -4.58
N ARG A 22 -5.01 4.58 -4.21
CA ARG A 22 -6.39 4.94 -4.49
C ARG A 22 -7.24 5.01 -3.21
N ARG A 23 -7.41 3.90 -2.47
CA ARG A 23 -8.49 3.76 -1.49
C ARG A 23 -8.00 3.48 -0.06
N GLY A 24 -6.78 3.90 0.33
CA GLY A 24 -6.30 3.74 1.71
C GLY A 24 -6.06 2.27 2.08
N LYS A 25 -5.75 1.45 1.07
CA LYS A 25 -5.46 0.00 1.15
C LYS A 25 -4.68 -0.25 -0.14
N CYS A 26 -3.81 -1.26 -0.16
CA CYS A 26 -2.87 -1.39 -1.30
C CYS A 26 -3.60 -1.13 -2.63
N CYS A 1 7.41 -6.77 2.75
CA CYS A 1 6.62 -5.61 2.27
C CYS A 1 5.18 -6.02 2.02
N LYS A 2 4.25 -5.05 2.03
CA LYS A 2 2.88 -5.41 2.40
C LYS A 2 2.25 -6.00 1.16
N GLY A 3 1.12 -6.63 1.39
CA GLY A 3 0.35 -7.29 0.35
C GLY A 3 -1.01 -6.61 0.14
N LYS A 4 -1.63 -6.87 -1.02
CA LYS A 4 -2.69 -6.02 -1.58
C LYS A 4 -3.86 -5.81 -0.62
N GLY A 5 -4.34 -4.56 -0.60
CA GLY A 5 -5.47 -4.07 0.17
C GLY A 5 -5.32 -4.17 1.68
N ALA A 6 -4.14 -4.51 2.18
CA ALA A 6 -3.83 -4.31 3.59
C ALA A 6 -3.87 -2.80 3.90
N PRO A 7 -4.16 -2.38 5.14
CA PRO A 7 -4.15 -0.97 5.50
C PRO A 7 -2.73 -0.41 5.34
N CYS A 8 -2.60 0.73 4.65
CA CYS A 8 -1.34 1.26 4.13
C CYS A 8 -1.10 2.70 4.56
N ARG A 9 0.07 3.18 4.15
CA ARG A 9 0.66 4.42 4.52
C ARG A 9 1.23 5.00 3.21
N LYS A 10 0.39 5.69 2.42
CA LYS A 10 0.57 5.73 0.94
C LYS A 10 2.00 6.01 0.47
N THR A 11 2.37 7.26 0.57
CA THR A 11 3.73 7.73 0.30
C THR A 11 4.79 7.07 1.19
N MET A 12 4.44 6.53 2.38
CA MET A 12 5.41 6.01 3.33
C MET A 12 5.78 4.54 3.05
N TYR A 13 5.91 4.15 1.77
CA TYR A 13 6.57 2.91 1.33
C TYR A 13 5.92 1.66 1.97
N ASP A 14 4.68 1.30 1.56
CA ASP A 14 4.03 0.11 2.10
C ASP A 14 4.20 -1.19 1.29
N CYS A 15 3.90 -1.18 -0.01
CA CYS A 15 3.49 -2.38 -0.72
C CYS A 15 4.66 -3.06 -1.38
N CYS A 16 4.56 -4.38 -1.52
CA CYS A 16 5.74 -5.13 -1.94
C CYS A 16 5.83 -5.08 -3.48
N SER A 17 4.66 -5.01 -4.14
CA SER A 17 4.43 -4.93 -5.56
C SER A 17 3.76 -3.61 -5.89
N GLY A 18 2.47 -3.71 -6.14
CA GLY A 18 1.61 -2.61 -6.55
C GLY A 18 1.34 -1.72 -5.33
N SER A 19 1.52 -0.41 -5.47
CA SER A 19 1.69 0.58 -4.42
C SER A 19 0.32 1.16 -4.01
N CYS A 20 0.23 1.76 -2.82
CA CYS A 20 -1.03 2.31 -2.33
C CYS A 20 -1.43 3.56 -3.13
N GLY A 21 -2.16 3.34 -4.21
CA GLY A 21 -2.70 4.40 -5.07
C GLY A 21 -3.74 5.28 -4.35
N ARG A 22 -3.42 5.98 -3.24
CA ARG A 22 -4.22 7.03 -2.62
C ARG A 22 -5.44 6.53 -1.84
N ARG A 23 -6.10 5.46 -2.31
CA ARG A 23 -7.32 4.93 -1.68
C ARG A 23 -7.13 4.49 -0.21
N GLY A 24 -5.89 4.27 0.23
CA GLY A 24 -5.63 3.95 1.63
C GLY A 24 -5.79 2.47 1.97
N LYS A 25 -5.82 1.57 0.97
CA LYS A 25 -5.59 0.15 1.17
C LYS A 25 -4.59 -0.24 0.08
N CYS A 26 -3.74 -1.24 0.34
CA CYS A 26 -2.37 -1.25 -0.26
C CYS A 26 -2.66 -1.52 -1.76
N CYS A 1 7.51 -5.42 3.75
CA CYS A 1 6.58 -4.82 2.78
C CYS A 1 5.21 -5.43 2.98
N LYS A 2 4.19 -4.80 2.41
CA LYS A 2 2.82 -5.21 2.72
C LYS A 2 2.43 -6.25 1.68
N GLY A 3 1.18 -6.69 1.78
CA GLY A 3 0.45 -7.14 0.58
C GLY A 3 -0.95 -6.51 0.51
N LYS A 4 -1.73 -6.85 -0.52
CA LYS A 4 -2.70 -5.93 -1.07
C LYS A 4 -3.98 -5.70 -0.24
N GLY A 5 -4.54 -4.51 -0.45
CA GLY A 5 -5.68 -3.87 0.19
C GLY A 5 -5.68 -3.93 1.72
N ALA A 6 -4.54 -4.21 2.35
CA ALA A 6 -4.32 -4.02 3.77
C ALA A 6 -4.28 -2.52 4.09
N PRO A 7 -4.50 -2.10 5.35
CA PRO A 7 -4.33 -0.71 5.75
C PRO A 7 -2.86 -0.32 5.54
N CYS A 8 -2.62 0.76 4.79
CA CYS A 8 -1.32 1.15 4.29
C CYS A 8 -0.86 2.46 4.88
N ARG A 9 0.43 2.67 4.69
CA ARG A 9 1.24 3.70 5.27
C ARG A 9 1.63 4.49 4.01
N LYS A 10 0.61 5.11 3.40
CA LYS A 10 0.52 5.39 1.95
C LYS A 10 1.84 5.84 1.33
N THR A 11 2.30 6.96 1.82
CA THR A 11 3.50 7.65 1.37
C THR A 11 4.78 6.81 1.54
N MET A 12 4.89 5.92 2.55
CA MET A 12 6.14 5.21 2.83
C MET A 12 6.34 4.00 1.89
N TYR A 13 5.85 4.05 0.65
CA TYR A 13 6.00 2.98 -0.35
C TYR A 13 5.65 1.62 0.29
N ASP A 14 4.42 1.50 0.81
CA ASP A 14 4.10 0.39 1.71
C ASP A 14 4.14 -0.99 1.03
N CYS A 15 3.77 -1.02 -0.25
CA CYS A 15 3.39 -2.25 -0.90
C CYS A 15 4.58 -2.90 -1.57
N CYS A 16 4.54 -4.23 -1.66
CA CYS A 16 5.78 -4.91 -2.00
C CYS A 16 5.98 -4.72 -3.52
N SER A 17 4.86 -4.66 -4.26
CA SER A 17 4.73 -4.50 -5.69
C SER A 17 3.98 -3.21 -5.99
N GLY A 18 2.72 -3.39 -6.33
CA GLY A 18 1.80 -2.33 -6.72
C GLY A 18 1.40 -1.56 -5.46
N SER A 19 1.49 -0.23 -5.51
CA SER A 19 1.70 0.69 -4.39
C SER A 19 0.35 1.26 -3.91
N CYS A 20 0.30 1.83 -2.69
CA CYS A 20 -0.91 2.46 -2.14
C CYS A 20 -1.23 3.76 -2.87
N GLY A 21 -1.59 3.63 -4.14
CA GLY A 21 -1.77 4.77 -5.01
C GLY A 21 -3.19 5.30 -4.90
N ARG A 22 -4.16 4.39 -4.95
CA ARG A 22 -5.53 4.65 -5.34
C ARG A 22 -6.44 4.72 -4.10
N ARG A 23 -6.60 3.62 -3.36
CA ARG A 23 -7.80 3.44 -2.54
C ARG A 23 -7.61 3.73 -1.04
N GLY A 24 -6.42 4.17 -0.60
CA GLY A 24 -6.12 4.28 0.83
C GLY A 24 -6.08 2.91 1.54
N LYS A 25 -5.87 1.84 0.78
CA LYS A 25 -5.55 0.48 1.22
C LYS A 25 -4.55 -0.01 0.16
N CYS A 26 -3.73 -1.02 0.48
CA CYS A 26 -2.38 -1.07 -0.15
C CYS A 26 -2.69 -1.47 -1.62
N CYS A 1 6.67 -7.79 4.63
CA CYS A 1 6.18 -6.72 3.75
C CYS A 1 4.72 -7.00 3.48
N LYS A 2 4.02 -5.95 3.06
CA LYS A 2 2.57 -5.91 3.03
C LYS A 2 2.13 -6.20 1.58
N GLY A 3 0.83 -6.09 1.30
CA GLY A 3 0.41 -5.90 -0.09
C GLY A 3 -1.11 -5.74 -0.26
N LYS A 4 -1.72 -6.44 -1.23
CA LYS A 4 -2.96 -5.97 -1.87
C LYS A 4 -4.13 -5.71 -0.90
N GLY A 5 -4.78 -4.53 -1.03
CA GLY A 5 -5.73 -3.90 -0.12
C GLY A 5 -5.37 -4.02 1.36
N ALA A 6 -4.09 -4.18 1.69
CA ALA A 6 -3.69 -4.09 3.08
C ALA A 6 -3.67 -2.62 3.49
N PRO A 7 -3.90 -2.29 4.78
CA PRO A 7 -3.62 -0.95 5.26
C PRO A 7 -2.17 -0.61 4.91
N CYS A 8 -1.96 0.56 4.28
CA CYS A 8 -0.68 0.97 3.73
C CYS A 8 -0.51 2.45 3.97
N ARG A 9 0.75 2.83 4.03
CA ARG A 9 1.24 4.04 4.60
C ARG A 9 1.59 4.88 3.38
N LYS A 10 0.64 5.71 2.90
CA LYS A 10 0.55 6.06 1.46
C LYS A 10 1.88 6.23 0.73
N THR A 11 2.50 7.37 0.96
CA THR A 11 3.77 7.71 0.34
C THR A 11 4.90 6.71 0.69
N MET A 12 4.86 6.04 1.85
CA MET A 12 5.99 5.26 2.37
C MET A 12 5.98 3.79 1.87
N TYR A 13 5.65 3.58 0.58
CA TYR A 13 5.76 2.30 -0.17
C TYR A 13 5.69 1.03 0.70
N ASP A 14 4.54 0.78 1.34
CA ASP A 14 4.43 -0.38 2.26
C ASP A 14 4.22 -1.74 1.58
N CYS A 15 3.79 -1.72 0.32
CA CYS A 15 2.96 -2.72 -0.37
C CYS A 15 3.62 -3.98 -0.91
N CYS A 16 4.83 -4.19 -0.43
CA CYS A 16 6.00 -4.97 -0.84
C CYS A 16 6.45 -4.37 -2.17
N SER A 17 5.49 -4.18 -3.08
CA SER A 17 5.57 -3.56 -4.39
C SER A 17 4.14 -3.68 -4.95
N GLY A 18 3.78 -2.78 -5.86
CA GLY A 18 2.41 -2.33 -6.05
C GLY A 18 2.31 -1.09 -5.15
N SER A 19 1.17 -0.41 -5.07
CA SER A 19 1.23 0.92 -4.45
C SER A 19 -0.11 1.42 -3.88
N CYS A 20 -0.03 2.25 -2.83
CA CYS A 20 -1.14 2.77 -2.04
C CYS A 20 -1.83 3.90 -2.81
N GLY A 21 -2.38 3.57 -3.97
CA GLY A 21 -2.71 4.53 -5.02
C GLY A 21 -4.14 5.09 -4.97
N ARG A 22 -5.00 4.63 -4.05
CA ARG A 22 -6.38 5.08 -3.97
C ARG A 22 -6.92 5.06 -2.52
N ARG A 23 -7.72 4.06 -2.15
CA ARG A 23 -8.57 3.89 -0.96
C ARG A 23 -7.85 3.88 0.40
N GLY A 24 -6.57 4.27 0.46
CA GLY A 24 -5.76 4.14 1.65
C GLY A 24 -5.65 2.67 2.09
N LYS A 25 -5.63 1.74 1.13
CA LYS A 25 -5.35 0.32 1.36
C LYS A 25 -4.86 -0.17 -0.01
N CYS A 26 -3.77 -0.95 -0.05
CA CYS A 26 -2.91 -0.98 -1.27
C CYS A 26 -3.74 -1.25 -2.52
N CYS A 1 7.22 -6.40 4.37
CA CYS A 1 6.46 -5.42 3.58
C CYS A 1 5.02 -5.88 3.51
N LYS A 2 4.14 -4.97 3.13
CA LYS A 2 2.70 -5.20 3.13
C LYS A 2 2.30 -5.68 1.74
N GLY A 3 1.00 -5.91 1.55
CA GLY A 3 0.43 -5.74 0.21
C GLY A 3 -1.09 -5.82 0.20
N LYS A 4 -1.65 -6.75 -0.58
CA LYS A 4 -2.99 -6.61 -1.15
C LYS A 4 -4.12 -6.20 -0.15
N GLY A 5 -4.85 -5.14 -0.52
CA GLY A 5 -5.83 -4.31 0.19
C GLY A 5 -5.50 -4.15 1.66
N ALA A 6 -4.23 -4.23 2.04
CA ALA A 6 -3.89 -3.99 3.41
C ALA A 6 -4.02 -2.49 3.67
N PRO A 7 -4.48 -2.06 4.86
CA PRO A 7 -4.54 -0.66 5.23
C PRO A 7 -3.10 -0.13 5.27
N CYS A 8 -2.78 0.86 4.43
CA CYS A 8 -1.43 1.11 3.99
C CYS A 8 -1.10 2.59 3.92
N ARG A 9 0.19 2.85 4.02
CA ARG A 9 0.74 4.13 4.37
C ARG A 9 1.55 4.56 3.14
N LYS A 10 0.98 5.44 2.31
CA LYS A 10 1.31 5.57 0.89
C LYS A 10 2.63 6.29 0.61
N THR A 11 3.61 6.20 1.51
CA THR A 11 4.86 6.93 1.45
C THR A 11 6.02 5.97 1.15
N MET A 12 6.62 5.34 2.16
CA MET A 12 7.76 4.42 1.99
C MET A 12 7.34 3.07 1.35
N TYR A 13 6.40 3.07 0.40
CA TYR A 13 6.04 1.90 -0.41
C TYR A 13 5.63 0.73 0.49
N ASP A 14 4.65 1.00 1.37
CA ASP A 14 4.03 0.01 2.27
C ASP A 14 3.72 -1.32 1.54
N CYS A 15 3.19 -1.22 0.33
CA CYS A 15 2.58 -2.27 -0.50
C CYS A 15 3.52 -3.22 -1.24
N CYS A 16 4.75 -3.17 -0.78
CA CYS A 16 5.99 -3.87 -1.15
C CYS A 16 6.51 -3.46 -2.54
N SER A 17 5.58 -3.14 -3.44
CA SER A 17 5.70 -3.32 -4.88
C SER A 17 4.93 -2.26 -5.66
N GLY A 18 3.70 -2.64 -6.00
CA GLY A 18 2.59 -1.74 -6.30
C GLY A 18 2.38 -0.77 -5.13
N SER A 19 1.35 0.07 -5.18
CA SER A 19 1.31 1.28 -4.36
C SER A 19 -0.06 1.52 -3.70
N CYS A 20 -0.08 2.23 -2.57
CA CYS A 20 -1.30 2.46 -1.80
C CYS A 20 -2.14 3.59 -2.38
N GLY A 21 -2.53 3.41 -3.63
CA GLY A 21 -3.09 4.48 -4.46
C GLY A 21 -4.61 4.39 -4.61
N ARG A 22 -5.14 3.18 -4.59
CA ARG A 22 -6.50 2.92 -5.04
C ARG A 22 -7.54 3.40 -4.04
N ARG A 23 -7.37 3.05 -2.76
CA ARG A 23 -8.50 3.05 -1.82
C ARG A 23 -8.12 3.31 -0.34
N GLY A 24 -6.99 3.98 0.00
CA GLY A 24 -6.54 4.00 1.40
C GLY A 24 -6.23 2.57 1.88
N LYS A 25 -5.93 1.67 0.94
CA LYS A 25 -5.65 0.25 1.10
C LYS A 25 -4.93 -0.09 -0.20
N CYS A 26 -4.08 -1.13 -0.21
CA CYS A 26 -3.20 -1.30 -1.40
C CYS A 26 -3.99 -1.24 -2.72
#